data_3MIS
#
_entry.id   3MIS
#
_cell.length_a   42.589
_cell.length_b   42.632
_cell.length_c   71.577
_cell.angle_alpha   72.86
_cell.angle_beta   72.83
_cell.angle_gamma   71.17
#
_symmetry.space_group_name_H-M   'P 1'
#
loop_
_entity.id
_entity.type
_entity.pdbx_description
1 polymer Mso-8G
2 polymer "DNA (5'-D(*GP*CP*AP*GP*GP*AP*CP*GP*TP*CP*GP*TP*GP*AP*GP*AP*CP*AP*GP*CP*TP*CP*CP*G)-3')"
3 polymer "DNA (5'-D(*CP*GP*GP*AP*GP*CP*TP*GP*TP*CP*TP*CP*AP*CP*GP*AP*CP*GP*TP*CP*CP*TP*GP*C)-3')"
4 non-polymer 'CALCIUM ION'
5 water water
#
loop_
_entity_poly.entity_id
_entity_poly.type
_entity_poly.pdbx_seq_one_letter_code
_entity_poly.pdbx_strand_id
1 'polypeptide(L)'
;TLQPTEAAYIAGFLDGDGSIYAKLEPRPDYKDIKYQVRLAISFIQRKDKFPYLQDIYDQLGKRGNLRKDRGDGIADYTIY
GSTHLSIILPDLVPYLRIKKKQANRILHIINLYPQAQKNPSKFLDLVKIVDDVQNLNKRADELKSTNYDRLLEEFLKAGK
I
;
A,B
2 'polydeoxyribonucleotide'
;(DG)(DC)(DA)(DG)(DG)(DA)(DC)(DG)(DT)(DC)(DG)(DT)(DG)(DA)(DG)(DA)(DC)(DA)(DG)(DC)
(DT)(DC)(DC)(DG)
;
C
3 'polydeoxyribonucleotide'
;(DC)(DG)(DG)(DA)(DG)(DC)(DT)(DG)(DT)(DC)(DT)(DC)(DA)(DC)(DG)(DA)(DC)(DG)(DT)(DC)
(DC)(DT)(DG)(DC)
;
D
#
# COMPACT_ATOMS: atom_id res chain seq x y z
N THR A 1 16.80 17.02 4.12
CA THR A 1 15.75 16.26 4.80
C THR A 1 14.71 15.76 3.80
N LEU A 2 13.49 15.55 4.29
CA LEU A 2 12.42 14.87 3.52
C LEU A 2 11.86 15.69 2.36
N GLN A 3 12.16 15.26 1.13
CA GLN A 3 11.65 15.94 -0.07
C GLN A 3 10.17 15.63 -0.30
N PRO A 4 9.46 16.51 -1.04
CA PRO A 4 8.01 16.43 -1.26
C PRO A 4 7.53 15.10 -1.84
N THR A 5 7.92 14.78 -3.07
CA THR A 5 7.52 13.51 -3.65
C THR A 5 8.02 12.37 -2.82
N GLU A 6 9.07 12.57 -2.03
CA GLU A 6 9.48 11.53 -1.09
C GLU A 6 8.42 11.36 0.00
N ALA A 7 7.94 12.46 0.57
CA ALA A 7 6.87 12.36 1.55
C ALA A 7 5.57 11.86 0.91
N ALA A 8 5.30 12.26 -0.34
CA ALA A 8 4.09 11.80 -1.04
C ALA A 8 4.10 10.30 -1.29
N TYR A 9 5.26 9.78 -1.65
CA TYR A 9 5.39 8.36 -1.87
C TYR A 9 5.08 7.62 -0.59
N ILE A 10 5.74 8.08 0.48
CA ILE A 10 5.59 7.43 1.78
C ILE A 10 4.13 7.50 2.21
N ALA A 11 3.51 8.64 1.99
CA ALA A 11 2.09 8.76 2.32
C ALA A 11 1.33 7.70 1.55
N GLY A 12 1.67 7.53 0.27
CA GLY A 12 0.94 6.61 -0.57
C GLY A 12 1.09 5.19 -0.10
N PHE A 13 2.32 4.83 0.25
CA PHE A 13 2.64 3.50 0.75
C PHE A 13 2.05 3.25 2.14
N LEU A 14 2.16 4.23 3.05
CA LEU A 14 1.56 4.10 4.38
C LEU A 14 0.07 3.86 4.21
N ASP A 15 -0.57 4.59 3.30
CA ASP A 15 -1.99 4.37 3.02
C ASP A 15 -2.29 2.98 2.53
N GLY A 16 -1.27 2.27 2.07
CA GLY A 16 -1.51 0.95 1.54
C GLY A 16 -1.07 -0.12 2.50
N ASP A 17 0.23 -0.20 2.75
CA ASP A 17 0.73 -1.28 3.58
C ASP A 17 0.89 -0.93 5.06
N GLY A 18 0.44 0.28 5.46
CA GLY A 18 0.76 0.84 6.74
C GLY A 18 -0.41 1.05 7.67
N SER A 19 -0.17 1.76 8.76
CA SER A 19 -1.18 1.84 9.83
C SER A 19 -0.92 2.99 10.80
N ILE A 20 -1.98 3.76 11.07
CA ILE A 20 -1.93 4.82 12.09
C ILE A 20 -2.96 4.50 13.17
N TYR A 21 -2.48 4.17 14.35
CA TYR A 21 -3.39 3.71 15.38
C TYR A 21 -3.04 4.30 16.74
N ALA A 22 -3.97 4.16 17.67
CA ALA A 22 -3.81 4.68 19.02
C ALA A 22 -4.38 3.60 19.91
N LYS A 23 -3.79 3.41 21.07
CA LYS A 23 -4.34 2.41 21.98
C LYS A 23 -4.17 2.79 23.45
N LEU A 24 -5.12 2.36 24.26
CA LEU A 24 -5.11 2.65 25.68
C LEU A 24 -4.45 1.52 26.44
N GLU A 25 -3.21 1.73 26.88
CA GLU A 25 -2.47 0.69 27.58
C GLU A 25 -2.50 0.85 29.10
N PRO A 26 -2.69 -0.27 29.82
CA PRO A 26 -2.75 -0.26 31.29
C PRO A 26 -1.37 -0.20 31.95
N ARG A 27 -1.28 0.52 33.05
CA ARG A 27 -0.01 0.67 33.75
C ARG A 27 -0.23 0.47 35.25
N PRO A 28 -0.18 -0.79 35.70
CA PRO A 28 -0.38 -1.14 37.11
C PRO A 28 0.49 -0.32 38.09
N ASP A 29 1.60 0.22 37.61
CA ASP A 29 2.53 0.95 38.46
C ASP A 29 2.26 2.46 38.55
N TYR A 30 1.41 2.98 37.66
CA TYR A 30 1.05 4.40 37.71
C TYR A 30 0.15 4.66 38.91
N LYS A 31 0.13 5.90 39.37
CA LYS A 31 -0.63 6.27 40.56
C LYS A 31 -2.14 6.36 40.33
N ASP A 32 -2.60 7.52 39.86
CA ASP A 32 -4.03 7.72 39.63
C ASP A 32 -4.46 6.99 38.37
N ILE A 33 -4.32 7.69 37.26
CA ILE A 33 -4.73 7.18 35.96
C ILE A 33 -3.74 6.12 35.47
N LYS A 34 -4.07 4.86 35.70
CA LYS A 34 -3.16 3.75 35.44
C LYS A 34 -3.18 3.30 33.99
N TYR A 35 -3.24 4.27 33.07
CA TYR A 35 -3.21 3.98 31.65
C TYR A 35 -2.34 5.00 30.93
N GLN A 36 -1.26 4.54 30.31
CA GLN A 36 -0.60 5.37 29.29
C GLN A 36 -1.38 5.25 27.99
N VAL A 37 -1.49 6.35 27.27
CA VAL A 37 -2.04 6.32 25.92
C VAL A 37 -0.91 6.13 24.90
N ARG A 38 -1.00 5.10 24.07
CA ARG A 38 0.04 4.82 23.08
C ARG A 38 -0.32 5.31 21.68
N LEU A 39 0.65 5.87 20.98
CA LEU A 39 0.43 6.38 19.63
C LEU A 39 1.48 5.79 18.68
N ALA A 40 1.08 5.47 17.46
CA ALA A 40 2.08 4.98 16.50
C ALA A 40 1.63 5.04 15.06
N ILE A 41 2.63 5.01 14.17
CA ILE A 41 2.42 4.58 12.80
C ILE A 41 3.39 3.44 12.60
N SER A 42 3.06 2.57 11.65
CA SER A 42 3.90 1.45 11.30
C SER A 42 3.77 1.17 9.80
N PHE A 43 4.79 0.48 9.26
CA PHE A 43 4.79 -0.07 7.90
C PHE A 43 5.06 -1.58 7.97
N ILE A 44 4.28 -2.34 7.22
CA ILE A 44 4.36 -3.80 7.21
C ILE A 44 4.73 -4.33 5.82
N GLN A 45 5.39 -5.49 5.76
CA GLN A 45 5.83 -6.05 4.47
C GLN A 45 6.50 -7.41 4.62
N ARG A 46 6.59 -8.16 3.51
CA ARG A 46 7.27 -9.44 3.51
C ARG A 46 8.77 -9.20 3.65
N LYS A 47 9.43 -10.03 4.46
CA LYS A 47 10.80 -9.74 4.88
C LYS A 47 11.80 -9.66 3.75
N ASP A 48 11.42 -10.14 2.58
CA ASP A 48 12.31 -10.08 1.42
C ASP A 48 12.29 -8.71 0.75
N LYS A 49 11.57 -7.76 1.35
CA LYS A 49 11.56 -6.38 0.85
C LYS A 49 11.97 -5.40 1.94
N PHE A 50 12.58 -5.93 3.00
CA PHE A 50 13.07 -5.10 4.11
C PHE A 50 13.82 -3.86 3.66
N PRO A 51 14.67 -3.98 2.63
CA PRO A 51 15.41 -2.81 2.17
C PRO A 51 14.54 -1.60 1.78
N TYR A 52 13.27 -1.85 1.44
CA TYR A 52 12.35 -0.77 1.09
C TYR A 52 11.80 -0.16 2.38
N LEU A 53 11.87 -0.91 3.47
CA LEU A 53 11.57 -0.34 4.78
C LEU A 53 12.79 0.46 5.24
N GLN A 54 13.95 -0.20 5.24
CA GLN A 54 15.20 0.48 5.54
C GLN A 54 15.19 1.84 4.86
N ASP A 55 14.85 1.83 3.57
CA ASP A 55 14.77 3.06 2.77
C ASP A 55 13.93 4.14 3.46
N ILE A 56 12.64 3.86 3.63
CA ILE A 56 11.71 4.79 4.23
C ILE A 56 12.18 5.25 5.61
N TYR A 57 12.80 4.34 6.34
CA TYR A 57 13.29 4.60 7.68
C TYR A 57 14.43 5.61 7.61
N ASP A 58 15.34 5.40 6.67
CA ASP A 58 16.45 6.34 6.47
C ASP A 58 15.88 7.69 6.07
N GLN A 59 14.83 7.66 5.26
CA GLN A 59 14.25 8.90 4.75
C GLN A 59 13.56 9.74 5.83
N LEU A 60 13.18 9.11 6.93
CA LEU A 60 12.45 9.79 7.98
C LEU A 60 13.38 10.34 9.06
N GLY A 61 14.63 9.92 9.04
CA GLY A 61 15.60 10.36 10.03
C GLY A 61 16.04 9.23 10.96
N LYS A 62 15.83 7.99 10.52
CA LYS A 62 16.15 6.81 11.32
C LYS A 62 15.38 6.73 12.65
N ARG A 63 14.23 7.39 12.72
CA ARG A 63 13.34 7.29 13.87
C ARG A 63 12.48 6.04 13.74
N GLY A 64 12.28 5.34 14.85
CA GLY A 64 11.45 4.15 14.83
C GLY A 64 12.29 2.89 14.90
N ASN A 65 11.63 1.75 14.78
CA ASN A 65 12.33 0.48 14.94
C ASN A 65 12.01 -0.50 13.81
N LEU A 66 13.01 -0.72 12.95
CA LEU A 66 12.92 -1.72 11.90
C LEU A 66 12.98 -3.11 12.52
N ARG A 67 12.20 -4.03 11.97
CA ARG A 67 12.18 -5.40 12.47
C ARG A 67 12.16 -6.38 11.28
N LYS A 68 13.35 -6.87 10.91
CA LYS A 68 13.52 -7.74 9.76
C LYS A 68 12.61 -8.96 9.78
N ASP A 69 12.05 -9.27 10.96
CA ASP A 69 11.14 -10.40 11.07
C ASP A 69 10.39 -10.39 12.39
N ARG A 70 9.09 -10.15 12.32
CA ARG A 70 8.24 -10.21 13.50
C ARG A 70 8.28 -11.59 14.13
N GLY A 71 8.54 -12.60 13.31
CA GLY A 71 8.49 -13.98 13.75
C GLY A 71 7.71 -14.87 12.79
N ASP A 72 6.82 -14.25 12.01
CA ASP A 72 6.06 -14.94 10.98
C ASP A 72 6.54 -14.53 9.59
N GLY A 73 7.86 -14.34 9.44
CA GLY A 73 8.45 -13.95 8.18
C GLY A 73 8.08 -12.60 7.61
N ILE A 74 7.36 -11.80 8.38
CA ILE A 74 6.93 -10.48 7.92
C ILE A 74 7.73 -9.40 8.65
N ALA A 75 8.28 -8.46 7.90
CA ALA A 75 9.08 -7.39 8.48
C ALA A 75 8.23 -6.16 8.72
N ASP A 76 8.62 -5.34 9.70
CA ASP A 76 7.85 -4.13 9.95
C ASP A 76 8.68 -3.01 10.56
N TYR A 77 8.13 -1.81 10.51
CA TYR A 77 8.81 -0.60 10.96
C TYR A 77 7.78 0.22 11.69
N THR A 78 8.08 0.51 12.94
CA THR A 78 7.11 1.15 13.83
C THR A 78 7.68 2.37 14.52
N ILE A 79 6.93 3.47 14.47
CA ILE A 79 7.33 4.71 15.11
C ILE A 79 6.40 5.02 16.27
N TYR A 80 6.90 4.85 17.49
CA TYR A 80 6.12 5.16 18.68
C TYR A 80 6.33 6.61 19.11
N GLY A 81 5.29 7.20 19.68
CA GLY A 81 5.49 8.36 20.54
C GLY A 81 5.39 9.72 19.90
N SER A 82 4.82 10.64 20.67
CA SER A 82 4.62 12.02 20.25
C SER A 82 5.88 12.66 19.65
N THR A 83 7.04 12.25 20.14
CA THR A 83 8.28 12.92 19.78
C THR A 83 8.61 12.70 18.32
N HIS A 84 8.61 11.43 17.91
CA HIS A 84 8.86 11.12 16.51
C HIS A 84 7.71 11.58 15.67
N LEU A 85 6.51 11.33 16.17
CA LEU A 85 5.32 11.55 15.40
C LEU A 85 5.06 13.04 15.20
N SER A 86 5.30 13.86 16.23
CA SER A 86 5.12 15.30 16.06
C SER A 86 6.08 15.83 14.99
N ILE A 87 7.17 15.12 14.77
CA ILE A 87 8.10 15.49 13.72
C ILE A 87 7.70 14.90 12.35
N ILE A 88 7.26 13.65 12.36
CA ILE A 88 7.04 12.93 11.12
C ILE A 88 5.67 13.20 10.51
N LEU A 89 4.63 13.14 11.32
CA LEU A 89 3.29 13.26 10.78
C LEU A 89 3.10 14.50 9.91
N PRO A 90 3.51 15.68 10.42
CA PRO A 90 3.24 16.90 9.63
C PRO A 90 3.78 16.83 8.21
N ASP A 91 4.93 16.17 8.03
CA ASP A 91 5.48 16.00 6.69
C ASP A 91 4.57 15.13 5.84
N LEU A 92 3.87 14.19 6.47
CA LEU A 92 3.09 13.20 5.74
C LEU A 92 1.63 13.59 5.55
N VAL A 93 1.09 14.34 6.50
CA VAL A 93 -0.32 14.69 6.50
C VAL A 93 -0.80 15.26 5.16
N PRO A 94 -0.01 16.15 4.56
CA PRO A 94 -0.50 16.76 3.32
C PRO A 94 -0.64 15.76 2.15
N TYR A 95 0.07 14.63 2.18
CA TYR A 95 -0.04 13.68 1.10
C TYR A 95 -0.76 12.40 1.49
N LEU A 96 -1.25 12.34 2.73
CA LEU A 96 -2.01 11.18 3.17
C LEU A 96 -3.44 11.34 2.71
N ARG A 97 -4.08 10.24 2.33
CA ARG A 97 -5.44 10.31 1.87
C ARG A 97 -6.34 9.43 2.74
N ILE A 98 -6.12 8.12 2.66
CA ILE A 98 -6.94 7.17 3.37
C ILE A 98 -6.83 7.32 4.90
N LYS A 99 -5.63 7.55 5.37
CA LYS A 99 -5.37 7.61 6.81
C LYS A 99 -5.10 9.03 7.35
N LYS A 100 -5.41 10.04 6.55
CA LYS A 100 -5.19 11.42 6.93
C LYS A 100 -5.91 11.79 8.23
N LYS A 101 -7.15 11.36 8.37
CA LYS A 101 -7.90 11.61 9.58
C LYS A 101 -7.17 11.02 10.79
N GLN A 102 -6.81 9.74 10.68
CA GLN A 102 -6.05 9.06 11.72
C GLN A 102 -4.85 9.92 12.13
N ALA A 103 -4.15 10.44 11.13
CA ALA A 103 -2.92 11.19 11.37
C ALA A 103 -3.20 12.46 12.17
N ASN A 104 -4.31 13.12 11.85
CA ASN A 104 -4.68 14.34 12.53
C ASN A 104 -5.16 14.07 13.96
N ARG A 105 -5.89 12.97 14.11
CA ARG A 105 -6.30 12.53 15.41
C ARG A 105 -5.08 12.28 16.29
N ILE A 106 -4.03 11.68 15.72
CA ILE A 106 -2.80 11.52 16.51
C ILE A 106 -2.21 12.87 16.95
N LEU A 107 -2.19 13.86 16.07
CA LEU A 107 -1.63 15.17 16.37
C LEU A 107 -2.48 15.83 17.43
N HIS A 108 -3.79 15.68 17.28
CA HIS A 108 -4.75 16.21 18.21
C HIS A 108 -4.46 15.62 19.58
N ILE A 109 -4.22 14.32 19.60
CA ILE A 109 -3.92 13.65 20.85
C ILE A 109 -2.63 14.21 21.42
N ILE A 110 -1.60 14.31 20.59
CA ILE A 110 -0.33 14.83 21.07
C ILE A 110 -0.49 16.27 21.62
N ASN A 111 -1.46 17.00 21.09
CA ASN A 111 -1.71 18.39 21.49
C ASN A 111 -2.31 18.52 22.89
N LEU A 112 -3.13 17.54 23.26
CA LEU A 112 -3.80 17.51 24.56
C LEU A 112 -3.10 16.61 25.57
N TYR A 113 -2.14 15.82 25.14
CA TYR A 113 -1.50 14.87 26.05
C TYR A 113 -1.04 15.54 27.35
N PRO A 114 -0.17 16.57 27.21
CA PRO A 114 0.43 17.27 28.37
C PRO A 114 -0.53 17.55 29.54
N GLN A 115 -1.58 18.33 29.31
CA GLN A 115 -2.54 18.70 30.34
C GLN A 115 -3.49 17.57 30.72
N ALA A 116 -3.66 16.63 29.81
CA ALA A 116 -4.56 15.51 30.01
C ALA A 116 -3.97 14.55 31.05
N GLN A 117 -2.65 14.56 31.15
CA GLN A 117 -1.93 13.61 31.99
C GLN A 117 -2.55 13.40 33.36
N LYS A 118 -2.61 14.46 34.17
CA LYS A 118 -3.09 14.34 35.54
C LYS A 118 -4.48 14.91 35.76
N ASN A 119 -5.18 15.16 34.66
CA ASN A 119 -6.55 15.60 34.75
C ASN A 119 -7.49 14.49 34.26
N PRO A 120 -8.07 13.75 35.19
CA PRO A 120 -8.99 12.62 34.92
C PRO A 120 -10.11 13.03 33.97
N SER A 121 -10.56 14.28 34.06
CA SER A 121 -11.55 14.79 33.14
C SER A 121 -11.00 14.96 31.72
N LYS A 122 -9.87 15.66 31.58
CA LYS A 122 -9.27 15.94 30.27
C LYS A 122 -8.61 14.70 29.68
N PHE A 123 -8.36 13.72 30.54
CA PHE A 123 -7.84 12.47 30.10
C PHE A 123 -8.98 11.71 29.43
N LEU A 124 -10.21 11.94 29.89
CA LEU A 124 -11.35 11.26 29.29
C LEU A 124 -11.69 11.76 27.87
N ASP A 125 -11.43 13.05 27.62
CA ASP A 125 -11.55 13.62 26.27
C ASP A 125 -10.49 13.02 25.38
N LEU A 126 -9.28 13.01 25.91
CA LEU A 126 -8.17 12.45 25.16
C LEU A 126 -8.44 10.96 24.91
N VAL A 127 -9.12 10.30 25.83
CA VAL A 127 -9.42 8.89 25.63
C VAL A 127 -10.46 8.70 24.53
N LYS A 128 -11.31 9.71 24.36
CA LYS A 128 -12.37 9.63 23.37
C LYS A 128 -11.77 9.65 21.95
N ILE A 129 -10.71 10.42 21.78
CA ILE A 129 -10.03 10.49 20.50
C ILE A 129 -9.28 9.17 20.19
N VAL A 130 -8.96 8.41 21.23
CA VAL A 130 -8.39 7.08 21.04
C VAL A 130 -9.47 6.14 20.49
N ASP A 131 -10.68 6.29 21.01
CA ASP A 131 -11.82 5.55 20.54
C ASP A 131 -12.08 5.92 19.08
N ASP A 132 -11.77 7.16 18.74
CA ASP A 132 -12.11 7.68 17.42
C ASP A 132 -11.20 7.11 16.32
N VAL A 133 -9.92 6.99 16.64
CA VAL A 133 -8.97 6.47 15.70
C VAL A 133 -9.17 4.97 15.48
N GLN A 134 -9.24 4.22 16.57
CA GLN A 134 -9.50 2.78 16.47
C GLN A 134 -10.79 2.55 15.67
N ASN A 135 -11.76 3.42 15.90
CA ASN A 135 -13.01 3.41 15.16
C ASN A 135 -12.79 3.61 13.66
N LEU A 136 -11.95 4.58 13.32
CA LEU A 136 -11.64 4.82 11.92
C LEU A 136 -11.04 3.58 11.27
N ASN A 137 -10.17 2.88 11.99
CA ASN A 137 -9.53 1.66 11.47
C ASN A 137 -10.43 0.41 11.56
N LYS A 138 -11.72 0.59 11.39
CA LYS A 138 -12.63 -0.53 11.51
C LYS A 138 -13.66 -0.42 10.41
N ARG A 139 -14.22 -1.57 10.01
CA ARG A 139 -15.38 -1.55 9.14
C ARG A 139 -16.49 -0.94 9.97
N ALA A 140 -17.47 -0.34 9.30
CA ALA A 140 -18.58 0.26 10.02
C ALA A 140 -19.59 -0.79 10.48
N ASP A 141 -19.15 -2.04 10.61
CA ASP A 141 -20.07 -3.13 10.95
C ASP A 141 -19.51 -4.02 12.07
N GLU A 142 -18.35 -3.63 12.60
CA GLU A 142 -17.76 -4.30 13.75
C GLU A 142 -18.09 -3.53 15.02
N LEU A 143 -17.95 -4.18 16.17
CA LEU A 143 -18.06 -3.49 17.46
C LEU A 143 -17.17 -2.26 17.46
N LYS A 144 -17.74 -1.13 17.86
CA LYS A 144 -16.98 0.12 17.95
C LYS A 144 -16.25 0.21 19.26
N SER A 145 -15.11 0.87 19.27
CA SER A 145 -14.36 1.03 20.52
C SER A 145 -15.13 1.78 21.59
N THR A 146 -14.72 1.59 22.83
CA THR A 146 -15.25 2.40 23.93
C THR A 146 -14.40 2.32 25.19
N ASN A 147 -13.13 2.68 25.07
CA ASN A 147 -12.27 2.76 26.23
C ASN A 147 -12.76 3.89 27.13
N TYR A 148 -13.58 4.76 26.54
CA TYR A 148 -14.14 5.91 27.22
C TYR A 148 -15.17 5.48 28.28
N ASP A 149 -16.13 4.66 27.85
CA ASP A 149 -17.15 4.16 28.75
C ASP A 149 -16.51 3.28 29.83
N ARG A 150 -15.61 2.40 29.41
CA ARG A 150 -14.96 1.46 30.32
C ARG A 150 -14.00 2.13 31.30
N LEU A 151 -13.72 3.41 31.08
CA LEU A 151 -12.76 4.12 31.91
C LEU A 151 -13.47 5.17 32.78
N LEU A 152 -14.60 5.66 32.29
CA LEU A 152 -15.46 6.55 33.04
C LEU A 152 -15.94 5.82 34.29
N GLU A 153 -16.65 4.73 34.07
CA GLU A 153 -17.14 3.88 35.14
C GLU A 153 -16.02 3.57 36.13
N GLU A 154 -14.85 3.21 35.60
CA GLU A 154 -13.71 2.90 36.45
C GLU A 154 -13.37 4.10 37.34
N PHE A 155 -13.15 5.25 36.72
CA PHE A 155 -12.91 6.49 37.46
C PHE A 155 -13.99 6.71 38.51
N LEU A 156 -15.25 6.65 38.10
CA LEU A 156 -16.36 6.93 39.02
C LEU A 156 -16.32 6.02 40.24
N LYS A 157 -16.32 4.71 39.98
CA LYS A 157 -16.30 3.69 41.02
C LYS A 157 -15.03 3.72 41.85
N ALA A 158 -14.17 4.69 41.58
CA ALA A 158 -12.89 4.79 42.28
C ALA A 158 -12.69 6.17 42.88
N GLY A 159 -13.67 7.05 42.72
CA GLY A 159 -13.62 8.38 43.32
C GLY A 159 -13.09 9.51 42.44
N LYS A 160 -12.24 9.17 41.46
CA LYS A 160 -11.66 10.19 40.58
C LYS A 160 -12.68 11.19 40.04
N ILE A 161 -13.95 10.78 40.01
CA ILE A 161 -15.06 11.61 39.55
C ILE A 161 -16.39 11.06 40.05
N THR B 1 -3.03 17.90 -15.96
CA THR B 1 -2.42 16.58 -16.01
C THR B 1 -1.71 16.22 -14.70
N LEU B 2 -1.22 14.98 -14.63
CA LEU B 2 -0.67 14.40 -13.41
C LEU B 2 0.47 15.20 -12.74
N GLN B 3 0.25 15.64 -11.50
CA GLN B 3 1.29 16.36 -10.75
C GLN B 3 2.27 15.38 -10.09
N PRO B 4 3.50 15.85 -9.77
CA PRO B 4 4.58 15.00 -9.23
C PRO B 4 4.26 14.32 -7.90
N THR B 5 4.05 15.09 -6.85
CA THR B 5 3.66 14.52 -5.57
C THR B 5 2.37 13.73 -5.75
N GLU B 6 1.56 14.06 -6.75
CA GLU B 6 0.43 13.21 -7.06
C GLU B 6 0.90 11.90 -7.66
N ALA B 7 1.90 11.97 -8.54
CA ALA B 7 2.42 10.74 -9.16
C ALA B 7 3.15 9.87 -8.13
N ALA B 8 3.89 10.50 -7.21
CA ALA B 8 4.65 9.77 -6.19
C ALA B 8 3.77 9.14 -5.13
N TYR B 9 2.62 9.74 -4.86
CA TYR B 9 1.66 9.12 -3.95
C TYR B 9 1.12 7.83 -4.58
N ILE B 10 0.65 7.96 -5.81
CA ILE B 10 0.08 6.84 -6.55
C ILE B 10 1.12 5.72 -6.60
N ALA B 11 2.37 6.09 -6.83
CA ALA B 11 3.44 5.07 -6.89
C ALA B 11 3.53 4.39 -5.52
N GLY B 12 3.42 5.19 -4.47
CA GLY B 12 3.55 4.68 -3.12
C GLY B 12 2.44 3.72 -2.80
N PHE B 13 1.22 4.10 -3.13
CA PHE B 13 0.04 3.24 -3.01
C PHE B 13 0.09 1.99 -3.89
N LEU B 14 0.37 2.18 -5.18
CA LEU B 14 0.51 1.06 -6.11
C LEU B 14 1.46 0.04 -5.47
N ASP B 15 2.59 0.54 -4.99
CA ASP B 15 3.59 -0.30 -4.34
C ASP B 15 3.08 -1.04 -3.13
N GLY B 16 1.96 -0.61 -2.56
CA GLY B 16 1.42 -1.27 -1.40
C GLY B 16 0.19 -2.09 -1.71
N ASP B 17 -0.89 -1.42 -2.14
CA ASP B 17 -2.11 -2.15 -2.43
C ASP B 17 -2.30 -2.51 -3.92
N GLY B 18 -1.22 -2.46 -4.72
CA GLY B 18 -1.35 -2.60 -6.15
C GLY B 18 -0.59 -3.70 -6.86
N SER B 19 -0.80 -3.81 -8.18
CA SER B 19 -0.15 -4.90 -8.93
C SER B 19 0.25 -4.47 -10.33
N ILE B 20 1.44 -4.90 -10.73
CA ILE B 20 1.89 -4.72 -12.10
C ILE B 20 2.21 -6.14 -12.59
N TYR B 21 1.47 -6.60 -13.58
CA TYR B 21 1.63 -8.00 -13.98
C TYR B 21 1.39 -8.21 -15.47
N ALA B 22 1.85 -9.35 -15.97
CA ALA B 22 1.76 -9.69 -17.38
C ALA B 22 1.29 -11.13 -17.45
N LYS B 23 0.43 -11.44 -18.40
CA LYS B 23 0.00 -12.82 -18.53
C LYS B 23 -0.15 -13.27 -19.99
N LEU B 24 -0.06 -14.57 -20.21
CA LEU B 24 -0.13 -15.15 -21.55
C LEU B 24 -1.47 -15.83 -21.72
N GLU B 25 -2.36 -15.23 -22.51
CA GLU B 25 -3.73 -15.72 -22.60
C GLU B 25 -4.04 -16.45 -23.90
N PRO B 26 -4.72 -17.62 -23.79
CA PRO B 26 -5.07 -18.48 -24.93
C PRO B 26 -6.00 -17.81 -25.94
N ARG B 27 -5.70 -17.96 -27.22
CA ARG B 27 -6.50 -17.37 -28.28
C ARG B 27 -6.84 -18.37 -29.37
N PRO B 28 -7.82 -19.25 -29.11
CA PRO B 28 -8.23 -20.23 -30.12
C PRO B 28 -8.60 -19.59 -31.46
N ASP B 29 -9.21 -18.41 -31.43
CA ASP B 29 -9.65 -17.74 -32.66
C ASP B 29 -8.50 -17.21 -33.50
N TYR B 30 -7.29 -17.17 -32.92
CA TYR B 30 -6.15 -16.64 -33.65
C TYR B 30 -5.61 -17.63 -34.69
N LYS B 31 -4.68 -17.15 -35.50
CA LYS B 31 -4.09 -17.93 -36.59
C LYS B 31 -2.84 -18.69 -36.14
N ASP B 32 -1.67 -18.15 -36.48
CA ASP B 32 -0.41 -18.76 -36.12
C ASP B 32 -0.28 -18.82 -34.61
N ILE B 33 0.18 -17.71 -34.05
CA ILE B 33 0.41 -17.60 -32.61
C ILE B 33 -0.91 -17.37 -31.86
N LYS B 34 -1.40 -18.42 -31.19
CA LYS B 34 -2.71 -18.40 -30.56
C LYS B 34 -2.67 -17.96 -29.09
N TYR B 35 -1.99 -16.84 -28.81
CA TYR B 35 -1.90 -16.29 -27.47
C TYR B 35 -1.66 -14.81 -27.53
N GLN B 36 -2.59 -14.03 -26.98
CA GLN B 36 -2.32 -12.60 -26.79
C GLN B 36 -1.61 -12.38 -25.46
N VAL B 37 -0.61 -11.51 -25.46
CA VAL B 37 0.07 -11.15 -24.22
C VAL B 37 -0.64 -9.98 -23.56
N ARG B 38 -1.15 -10.18 -22.34
CA ARG B 38 -1.87 -9.10 -21.65
C ARG B 38 -0.98 -8.37 -20.65
N LEU B 39 -1.25 -7.09 -20.45
CA LEU B 39 -0.44 -6.24 -19.58
C LEU B 39 -1.35 -5.38 -18.70
N ALA B 40 -1.00 -5.22 -17.44
CA ALA B 40 -1.89 -4.46 -16.55
C ALA B 40 -1.25 -3.90 -15.30
N ILE B 41 -1.86 -2.85 -14.78
CA ILE B 41 -1.61 -2.45 -13.42
C ILE B 41 -2.96 -2.36 -12.75
N SER B 42 -3.00 -2.60 -11.46
CA SER B 42 -4.27 -2.62 -10.76
C SER B 42 -4.05 -2.09 -9.34
N PHE B 43 -5.12 -1.53 -8.78
CA PHE B 43 -5.18 -1.13 -7.37
C PHE B 43 -6.32 -1.88 -6.71
N ILE B 44 -6.11 -2.35 -5.49
CA ILE B 44 -7.10 -3.15 -4.78
C ILE B 44 -7.45 -2.54 -3.40
N GLN B 45 -8.72 -2.62 -3.00
CA GLN B 45 -9.13 -2.05 -1.73
C GLN B 45 -10.52 -2.52 -1.31
N ARG B 46 -10.83 -2.42 -0.01
CA ARG B 46 -12.15 -2.78 0.49
C ARG B 46 -13.18 -1.80 -0.05
N LYS B 47 -14.32 -2.32 -0.48
CA LYS B 47 -15.30 -1.53 -1.25
C LYS B 47 -15.68 -0.18 -0.62
N ASP B 48 -15.57 -0.10 0.70
CA ASP B 48 -15.97 1.10 1.42
C ASP B 48 -14.98 2.25 1.23
N LYS B 49 -13.83 1.96 0.63
CA LYS B 49 -12.87 3.03 0.33
C LYS B 49 -12.80 3.29 -1.17
N PHE B 50 -13.82 2.84 -1.89
CA PHE B 50 -13.87 3.01 -3.35
C PHE B 50 -13.55 4.43 -3.83
N PRO B 51 -14.13 5.45 -3.19
CA PRO B 51 -13.88 6.83 -3.62
C PRO B 51 -12.40 7.17 -3.75
N TYR B 52 -11.55 6.41 -3.06
CA TYR B 52 -10.12 6.65 -3.12
C TYR B 52 -9.53 6.07 -4.40
N LEU B 53 -10.20 5.06 -4.95
CA LEU B 53 -9.86 4.58 -6.28
C LEU B 53 -10.31 5.63 -7.31
N GLN B 54 -11.61 5.88 -7.34
CA GLN B 54 -12.18 6.97 -8.13
C GLN B 54 -11.20 8.14 -8.26
N ASP B 55 -10.65 8.56 -7.13
CA ASP B 55 -9.63 9.61 -7.12
C ASP B 55 -8.47 9.30 -8.08
N ILE B 56 -7.76 8.20 -7.81
CA ILE B 56 -6.56 7.81 -8.52
C ILE B 56 -6.80 7.52 -9.99
N TYR B 57 -8.07 7.31 -10.33
CA TYR B 57 -8.52 7.04 -11.67
C TYR B 57 -8.79 8.37 -12.39
N ASP B 58 -9.28 9.36 -11.63
CA ASP B 58 -9.52 10.68 -12.22
C ASP B 58 -8.20 11.35 -12.57
N GLN B 59 -7.29 11.39 -11.60
CA GLN B 59 -5.98 11.99 -11.84
C GLN B 59 -5.19 11.29 -12.95
N LEU B 60 -5.49 10.03 -13.24
CA LEU B 60 -4.82 9.30 -14.30
C LEU B 60 -5.59 9.40 -15.61
N GLY B 61 -6.28 10.51 -15.82
CA GLY B 61 -7.02 10.75 -17.04
C GLY B 61 -8.22 9.84 -17.26
N LYS B 62 -8.60 9.12 -16.21
CA LYS B 62 -9.73 8.20 -16.29
C LYS B 62 -9.46 7.05 -17.26
N ARG B 63 -8.22 6.59 -17.31
CA ARG B 63 -7.89 5.41 -18.11
C ARG B 63 -8.10 4.18 -17.23
N GLY B 64 -8.64 3.10 -17.81
CA GLY B 64 -8.84 1.89 -17.03
C GLY B 64 -10.25 1.68 -16.50
N ASN B 65 -10.43 0.62 -15.73
CA ASN B 65 -11.78 0.21 -15.32
C ASN B 65 -11.97 0.09 -13.81
N LEU B 66 -12.86 0.91 -13.26
CA LEU B 66 -13.19 0.89 -11.84
C LEU B 66 -14.25 -0.17 -11.53
N ARG B 67 -14.01 -0.95 -10.47
CA ARG B 67 -14.98 -1.97 -10.07
C ARG B 67 -15.30 -1.85 -8.58
N LYS B 68 -16.50 -1.38 -8.28
CA LYS B 68 -16.91 -1.16 -6.90
C LYS B 68 -17.02 -2.47 -6.12
N ASP B 69 -17.03 -3.61 -6.81
CA ASP B 69 -17.13 -4.88 -6.11
C ASP B 69 -16.87 -6.09 -7.02
N ARG B 70 -15.67 -6.65 -6.89
CA ARG B 70 -15.32 -7.88 -7.57
C ARG B 70 -16.34 -8.96 -7.30
N GLY B 71 -17.00 -8.86 -6.15
CA GLY B 71 -17.96 -9.85 -5.73
C GLY B 71 -17.76 -10.24 -4.27
N ASP B 72 -16.51 -10.27 -3.83
CA ASP B 72 -16.19 -10.61 -2.44
C ASP B 72 -16.04 -9.35 -1.59
N GLY B 73 -16.84 -8.33 -1.90
CA GLY B 73 -16.78 -7.07 -1.19
C GLY B 73 -15.50 -6.27 -1.37
N ILE B 74 -14.61 -6.75 -2.24
CA ILE B 74 -13.40 -5.99 -2.54
C ILE B 74 -13.57 -5.17 -3.81
N ALA B 75 -13.10 -3.93 -3.78
CA ALA B 75 -13.19 -3.06 -4.95
C ALA B 75 -11.83 -2.94 -5.61
N ASP B 76 -11.81 -2.79 -6.94
CA ASP B 76 -10.54 -2.64 -7.63
C ASP B 76 -10.57 -1.74 -8.87
N TYR B 77 -9.40 -1.61 -9.48
CA TYR B 77 -9.19 -0.69 -10.60
C TYR B 77 -8.05 -1.23 -11.45
N THR B 78 -8.39 -1.67 -12.66
CA THR B 78 -7.41 -2.26 -13.56
C THR B 78 -7.22 -1.42 -14.82
N ILE B 79 -5.97 -1.18 -15.18
CA ILE B 79 -5.66 -0.48 -16.42
C ILE B 79 -4.97 -1.43 -17.39
N TYR B 80 -5.72 -1.96 -18.35
CA TYR B 80 -5.11 -2.86 -19.34
C TYR B 80 -4.42 -2.07 -20.44
N GLY B 81 -3.55 -2.75 -21.17
CA GLY B 81 -3.20 -2.33 -22.51
C GLY B 81 -2.06 -1.36 -22.69
N SER B 82 -1.28 -1.59 -23.74
CA SER B 82 -0.11 -0.76 -23.99
C SER B 82 -0.45 0.71 -24.22
N THR B 83 -1.68 1.01 -24.62
CA THR B 83 -2.04 2.38 -24.89
C THR B 83 -2.10 3.19 -23.60
N HIS B 84 -2.98 2.77 -22.70
CA HIS B 84 -3.10 3.43 -21.43
C HIS B 84 -1.77 3.39 -20.74
N LEU B 85 -1.10 2.25 -20.86
CA LEU B 85 0.07 1.99 -20.03
C LEU B 85 1.27 2.77 -20.51
N SER B 86 1.45 2.89 -21.83
CA SER B 86 2.57 3.68 -22.33
C SER B 86 2.44 5.13 -21.88
N ILE B 87 1.22 5.57 -21.58
CA ILE B 87 1.03 6.92 -21.10
C ILE B 87 1.15 7.00 -19.56
N ILE B 88 0.67 5.97 -18.86
CA ILE B 88 0.65 6.00 -17.41
C ILE B 88 1.97 5.61 -16.75
N LEU B 89 2.50 4.45 -17.12
CA LEU B 89 3.73 3.97 -16.49
C LEU B 89 4.86 4.98 -16.42
N PRO B 90 5.10 5.74 -17.51
CA PRO B 90 6.27 6.60 -17.46
C PRO B 90 6.15 7.68 -16.38
N ASP B 91 4.94 8.14 -16.11
CA ASP B 91 4.71 9.10 -15.03
C ASP B 91 5.03 8.49 -13.65
N LEU B 92 4.94 7.17 -13.53
CA LEU B 92 5.01 6.51 -12.23
C LEU B 92 6.39 5.93 -11.95
N VAL B 93 7.00 5.35 -12.97
CA VAL B 93 8.29 4.69 -12.82
C VAL B 93 9.30 5.46 -11.97
N PRO B 94 9.41 6.79 -12.17
CA PRO B 94 10.43 7.52 -11.40
C PRO B 94 10.20 7.42 -9.89
N TYR B 95 8.94 7.27 -9.46
CA TYR B 95 8.63 7.20 -8.05
C TYR B 95 8.42 5.77 -7.54
N LEU B 96 8.15 4.84 -8.46
CA LEU B 96 7.93 3.47 -8.06
C LEU B 96 9.19 2.93 -7.44
N ARG B 97 9.04 2.04 -6.46
CA ARG B 97 10.20 1.44 -5.83
C ARG B 97 10.08 -0.08 -5.86
N ILE B 98 9.08 -0.61 -5.18
CA ILE B 98 8.96 -2.06 -5.04
C ILE B 98 8.65 -2.73 -6.38
N LYS B 99 7.85 -2.04 -7.19
CA LYS B 99 7.35 -2.60 -8.44
C LYS B 99 7.92 -1.85 -9.65
N LYS B 100 9.03 -1.17 -9.46
CA LYS B 100 9.67 -0.41 -10.54
C LYS B 100 10.09 -1.36 -11.65
N LYS B 101 10.87 -2.38 -11.30
CA LYS B 101 11.30 -3.35 -12.30
C LYS B 101 10.13 -3.85 -13.15
N GLN B 102 9.09 -4.36 -12.48
CA GLN B 102 7.89 -4.83 -13.17
C GLN B 102 7.41 -3.81 -14.19
N ALA B 103 7.37 -2.54 -13.78
CA ALA B 103 6.87 -1.50 -14.66
C ALA B 103 7.80 -1.34 -15.87
N ASN B 104 9.10 -1.37 -15.59
CA ASN B 104 10.09 -1.21 -16.64
C ASN B 104 10.04 -2.36 -17.65
N ARG B 105 9.69 -3.54 -17.16
CA ARG B 105 9.46 -4.72 -18.00
C ARG B 105 8.18 -4.59 -18.81
N ILE B 106 7.10 -4.09 -18.20
CA ILE B 106 5.89 -3.87 -18.98
C ILE B 106 6.20 -3.00 -20.22
N LEU B 107 6.95 -1.92 -20.02
CA LEU B 107 7.30 -1.00 -21.07
C LEU B 107 8.17 -1.72 -22.07
N HIS B 108 9.00 -2.61 -21.54
CA HIS B 108 9.92 -3.34 -22.37
C HIS B 108 9.10 -4.15 -23.36
N ILE B 109 8.11 -4.87 -22.84
CA ILE B 109 7.17 -5.62 -23.66
C ILE B 109 6.45 -4.71 -24.66
N ILE B 110 5.97 -3.56 -24.20
CA ILE B 110 5.28 -2.63 -25.09
C ILE B 110 6.15 -2.22 -26.29
N ASN B 111 7.44 -2.07 -26.06
CA ASN B 111 8.36 -1.59 -27.10
C ASN B 111 8.75 -2.68 -28.10
N LEU B 112 8.60 -3.92 -27.67
CA LEU B 112 8.94 -5.10 -28.45
C LEU B 112 7.70 -5.76 -29.03
N TYR B 113 6.53 -5.36 -28.57
CA TYR B 113 5.34 -6.10 -28.96
C TYR B 113 5.03 -6.02 -30.47
N PRO B 114 5.03 -4.80 -31.03
CA PRO B 114 4.73 -4.57 -32.46
C PRO B 114 5.35 -5.60 -33.40
N GLN B 115 6.67 -5.75 -33.37
CA GLN B 115 7.36 -6.68 -34.28
C GLN B 115 7.32 -8.11 -33.78
N ALA B 116 6.71 -8.32 -32.63
CA ALA B 116 6.73 -9.64 -32.01
C ALA B 116 5.49 -10.44 -32.40
N GLN B 117 4.49 -9.74 -32.94
CA GLN B 117 3.19 -10.34 -33.22
C GLN B 117 3.23 -11.50 -34.21
N LYS B 118 3.94 -11.32 -35.33
CA LYS B 118 3.97 -12.35 -36.37
C LYS B 118 5.36 -12.93 -36.59
N ASN B 119 6.20 -12.81 -35.60
CA ASN B 119 7.52 -13.42 -35.62
C ASN B 119 7.65 -14.36 -34.42
N PRO B 120 7.33 -15.64 -34.63
CA PRO B 120 7.36 -16.66 -33.58
C PRO B 120 8.67 -16.66 -32.78
N SER B 121 9.76 -16.24 -33.41
CA SER B 121 11.05 -16.19 -32.75
C SER B 121 11.13 -15.01 -31.77
N LYS B 122 10.91 -13.82 -32.30
CA LYS B 122 10.93 -12.61 -31.50
C LYS B 122 9.81 -12.65 -30.47
N PHE B 123 8.79 -13.46 -30.75
CA PHE B 123 7.66 -13.60 -29.83
C PHE B 123 8.08 -14.40 -28.60
N LEU B 124 9.02 -15.32 -28.79
CA LEU B 124 9.55 -16.06 -27.67
C LEU B 124 10.31 -15.14 -26.71
N ASP B 125 11.10 -14.22 -27.26
CA ASP B 125 11.79 -13.25 -26.42
C ASP B 125 10.80 -12.44 -25.63
N LEU B 126 9.71 -12.06 -26.30
CA LEU B 126 8.67 -11.33 -25.62
C LEU B 126 8.13 -12.19 -24.48
N VAL B 127 7.76 -13.42 -24.77
CA VAL B 127 7.18 -14.29 -23.75
C VAL B 127 8.13 -14.50 -22.57
N LYS B 128 9.43 -14.35 -22.81
CA LYS B 128 10.43 -14.45 -21.76
C LYS B 128 10.18 -13.39 -20.70
N ILE B 129 10.00 -12.16 -21.16
CA ILE B 129 9.76 -11.05 -20.27
C ILE B 129 8.45 -11.22 -19.53
N VAL B 130 7.52 -12.00 -20.08
CA VAL B 130 6.30 -12.32 -19.33
C VAL B 130 6.66 -13.21 -18.14
N ASP B 131 7.60 -14.12 -18.34
CA ASP B 131 8.10 -14.94 -17.27
C ASP B 131 8.83 -14.07 -16.23
N ASP B 132 9.56 -13.06 -16.69
CA ASP B 132 10.37 -12.29 -15.77
C ASP B 132 9.48 -11.51 -14.81
N VAL B 133 8.43 -10.88 -15.36
CA VAL B 133 7.51 -10.10 -14.54
C VAL B 133 6.74 -10.96 -13.56
N GLN B 134 6.19 -12.07 -14.03
CA GLN B 134 5.46 -12.96 -13.14
C GLN B 134 6.40 -13.45 -12.05
N ASN B 135 7.60 -13.85 -12.45
CA ASN B 135 8.63 -14.24 -11.48
C ASN B 135 8.89 -13.15 -10.44
N LEU B 136 8.95 -11.91 -10.89
CA LEU B 136 9.19 -10.80 -9.98
C LEU B 136 8.13 -10.73 -8.87
N ASN B 137 6.90 -11.05 -9.24
CA ASN B 137 5.77 -11.10 -8.32
C ASN B 137 5.65 -12.42 -7.59
N LYS B 138 6.77 -13.08 -7.35
CA LYS B 138 6.76 -14.34 -6.61
C LYS B 138 7.75 -14.27 -5.46
N ARG B 139 7.56 -15.14 -4.48
CA ARG B 139 8.59 -15.35 -3.48
C ARG B 139 9.64 -16.23 -4.14
N ALA B 140 10.90 -16.07 -3.74
CA ALA B 140 11.96 -16.85 -4.35
C ALA B 140 11.85 -18.33 -4.03
N ASP B 141 10.74 -18.75 -3.42
CA ASP B 141 10.59 -20.15 -3.01
C ASP B 141 9.42 -20.85 -3.72
N GLU B 142 8.78 -20.13 -4.63
CA GLU B 142 7.68 -20.67 -5.41
C GLU B 142 8.15 -21.16 -6.78
N LEU B 143 7.30 -21.94 -7.46
CA LEU B 143 7.56 -22.36 -8.83
C LEU B 143 7.70 -21.13 -9.71
N LYS B 144 8.60 -21.19 -10.69
CA LYS B 144 8.82 -20.08 -11.59
C LYS B 144 8.06 -20.29 -12.90
N SER B 145 7.47 -19.21 -13.39
CA SER B 145 6.67 -19.29 -14.60
C SER B 145 7.44 -19.95 -15.74
N THR B 146 6.70 -20.48 -16.70
CA THR B 146 7.30 -21.28 -17.75
C THR B 146 6.49 -21.23 -19.05
N ASN B 147 5.93 -20.07 -19.35
CA ASN B 147 5.16 -19.91 -20.58
C ASN B 147 6.13 -20.05 -21.76
N TYR B 148 7.36 -19.61 -21.55
CA TYR B 148 8.40 -19.65 -22.58
C TYR B 148 8.75 -21.09 -22.92
N ASP B 149 8.94 -21.92 -21.90
CA ASP B 149 9.24 -23.32 -22.14
C ASP B 149 8.01 -24.05 -22.70
N ARG B 150 6.85 -23.80 -22.10
CA ARG B 150 5.63 -24.47 -22.51
C ARG B 150 5.13 -24.04 -23.89
N LEU B 151 5.62 -22.90 -24.38
CA LEU B 151 5.23 -22.45 -25.71
C LEU B 151 6.25 -22.74 -26.83
N LEU B 152 7.51 -22.95 -26.48
CA LEU B 152 8.52 -23.28 -27.48
C LEU B 152 8.25 -24.69 -27.94
N GLU B 153 7.78 -25.52 -27.02
CA GLU B 153 7.39 -26.88 -27.33
C GLU B 153 6.19 -26.90 -28.26
N GLU B 154 5.13 -26.20 -27.88
CA GLU B 154 3.94 -26.11 -28.73
C GLU B 154 4.36 -25.57 -30.10
N PHE B 155 5.27 -24.61 -30.09
CA PHE B 155 5.86 -24.07 -31.32
C PHE B 155 6.51 -25.17 -32.15
N LEU B 156 7.56 -25.77 -31.60
CA LEU B 156 8.30 -26.79 -32.34
C LEU B 156 7.40 -27.92 -32.83
N LYS B 157 6.58 -28.46 -31.92
CA LYS B 157 5.68 -29.56 -32.23
C LYS B 157 4.49 -29.07 -33.04
N ALA B 158 4.74 -28.15 -33.98
CA ALA B 158 3.67 -27.54 -34.74
C ALA B 158 4.19 -26.87 -36.02
N GLY B 159 5.49 -26.86 -36.20
CA GLY B 159 6.08 -26.32 -37.40
C GLY B 159 6.66 -24.93 -37.34
N LYS B 160 6.02 -24.03 -36.59
CA LYS B 160 6.45 -22.64 -36.48
C LYS B 160 7.96 -22.46 -36.27
N ILE B 161 8.61 -23.51 -35.79
CA ILE B 161 10.06 -23.53 -35.63
C ILE B 161 10.55 -24.96 -35.46
#